data_2LWQ
#
_entry.id   2LWQ
#
_entity_poly.entity_id   1
_entity_poly.type   'polypeptide(L)'
_entity_poly.pdbx_seq_one_letter_code
;GCWPVPYPPFFDCKPN
;
_entity_poly.pdbx_strand_id   A
#
# COMPACT_ATOMS: atom_id res chain seq x y z
N GLY A 1 -7.15 1.63 -4.82
CA GLY A 1 -7.09 0.61 -3.79
C GLY A 1 -5.91 0.81 -2.85
N CYS A 2 -6.09 0.44 -1.59
CA CYS A 2 -5.04 0.57 -0.60
C CYS A 2 -4.96 -0.66 0.29
N TRP A 3 -3.79 -1.28 0.34
CA TRP A 3 -3.58 -2.47 1.15
C TRP A 3 -2.12 -2.60 1.57
N PRO A 4 -1.88 -3.27 2.70
CA PRO A 4 -0.53 -3.48 3.23
C PRO A 4 0.28 -4.44 2.38
N VAL A 5 1.60 -4.30 2.43
CA VAL A 5 2.50 -5.17 1.66
C VAL A 5 3.70 -5.59 2.50
N PRO A 6 4.23 -6.78 2.21
CA PRO A 6 5.40 -7.33 2.91
C PRO A 6 6.68 -6.58 2.58
N TYR A 7 6.62 -5.26 2.69
CA TYR A 7 7.79 -4.42 2.40
C TYR A 7 7.41 -2.95 2.43
N PRO A 8 8.39 -2.08 2.76
CA PRO A 8 8.19 -0.64 2.82
C PRO A 8 7.99 -0.01 1.45
N PRO A 9 6.95 0.82 1.33
CA PRO A 9 6.05 1.14 2.44
C PRO A 9 5.17 -0.04 2.84
N PHE A 10 5.09 -0.31 4.13
CA PHE A 10 4.29 -1.42 4.64
C PHE A 10 2.81 -1.25 4.25
N PHE A 11 2.45 -0.02 3.90
CA PHE A 11 1.08 0.29 3.51
C PHE A 11 1.02 0.85 2.10
N ASP A 12 0.24 0.20 1.24
CA ASP A 12 0.10 0.64 -0.14
C ASP A 12 -1.23 1.35 -0.36
N CYS A 13 -1.22 2.35 -1.24
CA CYS A 13 -2.44 3.12 -1.53
C CYS A 13 -2.29 3.87 -2.86
N LYS A 14 -3.22 3.62 -3.77
CA LYS A 14 -3.19 4.28 -5.07
C LYS A 14 -4.50 5.03 -5.32
N PRO A 15 -4.69 6.15 -4.63
CA PRO A 15 -5.89 6.97 -4.76
C PRO A 15 -5.96 7.69 -6.11
N ASN A 16 -7.16 8.09 -6.51
CA ASN A 16 -7.36 8.79 -7.77
C ASN A 16 -7.25 10.29 -7.59
N GLY A 1 -7.49 1.89 -4.40
CA GLY A 1 -7.03 0.64 -3.82
C GLY A 1 -5.86 0.83 -2.87
N CYS A 2 -6.06 0.46 -1.61
CA CYS A 2 -5.02 0.60 -0.60
C CYS A 2 -4.95 -0.65 0.28
N TRP A 3 -3.77 -1.26 0.31
CA TRP A 3 -3.56 -2.47 1.12
C TRP A 3 -2.11 -2.60 1.54
N PRO A 4 -1.89 -3.28 2.67
CA PRO A 4 -0.53 -3.49 3.21
C PRO A 4 0.28 -4.46 2.35
N VAL A 5 1.60 -4.31 2.41
CA VAL A 5 2.50 -5.16 1.64
C VAL A 5 3.70 -5.59 2.47
N PRO A 6 4.24 -6.78 2.19
CA PRO A 6 5.40 -7.33 2.89
C PRO A 6 6.68 -6.58 2.57
N TYR A 7 6.63 -5.26 2.69
CA TYR A 7 7.79 -4.41 2.41
C TYR A 7 7.41 -2.94 2.44
N PRO A 8 8.39 -2.08 2.78
CA PRO A 8 8.18 -0.64 2.86
C PRO A 8 7.99 0.00 1.48
N PRO A 9 6.94 0.84 1.36
CA PRO A 9 6.04 1.15 2.48
C PRO A 9 5.16 -0.05 2.86
N PHE A 10 5.08 -0.32 4.16
CA PHE A 10 4.27 -1.43 4.65
C PHE A 10 2.80 -1.25 4.26
N PHE A 11 2.43 -0.03 3.91
CA PHE A 11 1.07 0.27 3.52
C PHE A 11 1.02 0.85 2.10
N ASP A 12 0.24 0.20 1.24
CA ASP A 12 0.10 0.65 -0.14
C ASP A 12 -1.22 1.37 -0.35
N CYS A 13 -1.21 2.38 -1.22
CA CYS A 13 -2.41 3.16 -1.51
C CYS A 13 -2.26 3.93 -2.82
N LYS A 14 -3.17 3.70 -3.75
CA LYS A 14 -3.14 4.38 -5.04
C LYS A 14 -4.52 4.36 -5.70
N PRO A 15 -5.45 5.18 -5.16
CA PRO A 15 -6.81 5.27 -5.69
C PRO A 15 -6.86 5.95 -7.05
N ASN A 16 -7.76 5.47 -7.91
CA ASN A 16 -7.90 6.04 -9.25
C ASN A 16 -9.33 5.85 -9.77
N GLY A 1 -7.31 -0.56 -4.20
CA GLY A 1 -7.08 0.83 -3.82
C GLY A 1 -5.90 0.98 -2.89
N CYS A 2 -6.08 0.62 -1.63
CA CYS A 2 -5.02 0.71 -0.64
C CYS A 2 -4.96 -0.54 0.23
N TRP A 3 -3.78 -1.15 0.29
CA TRP A 3 -3.59 -2.36 1.08
C TRP A 3 -2.13 -2.52 1.51
N PRO A 4 -1.91 -3.21 2.63
CA PRO A 4 -0.56 -3.44 3.17
C PRO A 4 0.25 -4.40 2.30
N VAL A 5 1.57 -4.26 2.36
CA VAL A 5 2.46 -5.12 1.58
C VAL A 5 3.65 -5.57 2.41
N PRO A 6 4.16 -6.77 2.11
CA PRO A 6 5.31 -7.34 2.82
C PRO A 6 6.61 -6.60 2.51
N TYR A 7 6.57 -5.27 2.64
CA TYR A 7 7.74 -4.45 2.38
C TYR A 7 7.39 -2.97 2.43
N PRO A 8 8.37 -2.14 2.78
CA PRO A 8 8.19 -0.68 2.88
C PRO A 8 8.00 -0.03 1.51
N PRO A 9 6.97 0.83 1.40
CA PRO A 9 6.07 1.12 2.52
C PRO A 9 5.18 -0.06 2.87
N PHE A 10 5.09 -0.35 4.17
CA PHE A 10 4.26 -1.45 4.64
C PHE A 10 2.80 -1.25 4.25
N PHE A 11 2.44 -0.01 3.92
CA PHE A 11 1.08 0.31 3.53
C PHE A 11 1.04 0.90 2.12
N ASP A 12 0.27 0.27 1.25
CA ASP A 12 0.14 0.73 -0.12
C ASP A 12 -1.18 1.45 -0.35
N CYS A 13 -1.16 2.45 -1.22
CA CYS A 13 -2.36 3.23 -1.52
C CYS A 13 -2.20 3.99 -2.83
N LYS A 14 -3.13 3.76 -3.76
CA LYS A 14 -3.10 4.41 -5.06
C LYS A 14 -4.39 5.20 -5.30
N PRO A 15 -4.54 6.32 -4.59
CA PRO A 15 -5.73 7.18 -4.72
C PRO A 15 -5.79 7.90 -6.06
N ASN A 16 -6.99 8.26 -6.48
CA ASN A 16 -7.18 8.96 -7.75
C ASN A 16 -6.67 8.11 -8.92
N GLY A 1 -8.29 1.09 -3.35
CA GLY A 1 -7.05 0.66 -3.95
C GLY A 1 -5.87 0.83 -3.01
N CYS A 2 -6.06 0.48 -1.74
CA CYS A 2 -5.01 0.60 -0.75
C CYS A 2 -4.94 -0.65 0.12
N TRP A 3 -3.75 -1.23 0.22
CA TRP A 3 -3.56 -2.44 1.02
C TRP A 3 -2.10 -2.57 1.46
N PRO A 4 -1.89 -3.25 2.60
CA PRO A 4 -0.54 -3.46 3.14
C PRO A 4 0.28 -4.42 2.30
N VAL A 5 1.60 -4.29 2.38
CA VAL A 5 2.50 -5.15 1.63
C VAL A 5 3.70 -5.58 2.47
N PRO A 6 4.23 -6.78 2.19
CA PRO A 6 5.37 -7.33 2.91
C PRO A 6 6.67 -6.58 2.61
N TYR A 7 6.61 -5.26 2.72
CA TYR A 7 7.79 -4.42 2.47
C TYR A 7 7.42 -2.94 2.49
N PRO A 8 8.39 -2.10 2.85
CA PRO A 8 8.20 -0.65 2.92
C PRO A 8 8.01 -0.02 1.55
N PRO A 9 6.98 0.83 1.42
CA PRO A 9 6.06 1.14 2.52
C PRO A 9 5.17 -0.05 2.88
N PHE A 10 5.07 -0.32 4.18
CA PHE A 10 4.25 -1.43 4.66
C PHE A 10 2.80 -1.25 4.25
N PHE A 11 2.43 -0.02 3.90
CA PHE A 11 1.07 0.30 3.49
C PHE A 11 1.05 0.86 2.08
N ASP A 12 0.28 0.22 1.20
CA ASP A 12 0.16 0.67 -0.18
C ASP A 12 -1.17 1.37 -0.42
N CYS A 13 -1.15 2.37 -1.30
CA CYS A 13 -2.35 3.13 -1.62
C CYS A 13 -2.19 3.89 -2.93
N LYS A 14 -3.10 3.63 -3.87
CA LYS A 14 -3.05 4.29 -5.17
C LYS A 14 -4.31 5.13 -5.39
N PRO A 15 -4.38 6.28 -4.69
CA PRO A 15 -5.51 7.19 -4.80
C PRO A 15 -5.55 7.91 -6.14
N ASN A 16 -6.75 8.32 -6.55
CA ASN A 16 -6.93 9.02 -7.82
C ASN A 16 -6.48 10.48 -7.70
N GLY A 1 -7.28 -0.29 -4.51
CA GLY A 1 -7.38 0.82 -3.57
C GLY A 1 -6.13 0.97 -2.72
N CYS A 2 -6.25 0.63 -1.44
CA CYS A 2 -5.13 0.73 -0.52
C CYS A 2 -5.01 -0.52 0.34
N TRP A 3 -3.86 -1.18 0.29
CA TRP A 3 -3.63 -2.39 1.07
C TRP A 3 -2.16 -2.50 1.47
N PRO A 4 -1.91 -3.20 2.59
CA PRO A 4 -0.55 -3.39 3.10
C PRO A 4 0.26 -4.33 2.22
N VAL A 5 1.59 -4.23 2.31
CA VAL A 5 2.48 -5.08 1.54
C VAL A 5 3.67 -5.55 2.37
N PRO A 6 4.18 -6.74 2.04
CA PRO A 6 5.32 -7.33 2.75
C PRO A 6 6.63 -6.59 2.46
N TYR A 7 6.59 -5.27 2.62
CA TYR A 7 7.77 -4.44 2.38
C TYR A 7 7.41 -2.95 2.46
N PRO A 8 8.40 -2.13 2.84
CA PRO A 8 8.22 -0.68 2.97
C PRO A 8 8.05 -0.01 1.62
N PRO A 9 7.03 0.85 1.50
CA PRO A 9 6.10 1.14 2.61
C PRO A 9 5.20 -0.04 2.93
N PHE A 10 5.09 -0.36 4.21
CA PHE A 10 4.25 -1.47 4.65
C PHE A 10 2.80 -1.26 4.24
N PHE A 11 2.46 -0.01 3.93
CA PHE A 11 1.10 0.33 3.53
C PHE A 11 1.08 0.88 2.11
N ASP A 12 0.30 0.26 1.24
CA ASP A 12 0.19 0.68 -0.15
C ASP A 12 -1.16 1.37 -0.40
N CYS A 13 -1.14 2.37 -1.26
CA CYS A 13 -2.35 3.11 -1.60
C CYS A 13 -2.18 3.88 -2.90
N LYS A 14 -3.06 3.63 -3.86
CA LYS A 14 -3.01 4.31 -5.14
C LYS A 14 -4.23 5.21 -5.34
N PRO A 15 -4.24 6.35 -4.62
CA PRO A 15 -5.34 7.32 -4.70
C PRO A 15 -5.37 8.04 -6.04
N ASN A 16 -6.56 8.53 -6.41
CA ASN A 16 -6.73 9.26 -7.67
C ASN A 16 -6.16 10.66 -7.58
N GLY A 1 -7.26 1.12 -4.89
CA GLY A 1 -7.45 0.71 -3.51
C GLY A 1 -6.19 0.87 -2.68
N CYS A 2 -6.29 0.54 -1.40
CA CYS A 2 -5.15 0.66 -0.49
C CYS A 2 -5.03 -0.58 0.39
N TRP A 3 -3.87 -1.23 0.31
CA TRP A 3 -3.63 -2.44 1.11
C TRP A 3 -2.16 -2.55 1.49
N PRO A 4 -1.89 -3.22 2.62
CA PRO A 4 -0.52 -3.41 3.12
C PRO A 4 0.30 -4.36 2.25
N VAL A 5 1.62 -4.24 2.34
CA VAL A 5 2.51 -5.09 1.56
C VAL A 5 3.70 -5.55 2.39
N PRO A 6 4.22 -6.74 2.07
CA PRO A 6 5.37 -7.33 2.77
C PRO A 6 6.66 -6.57 2.49
N TYR A 7 6.62 -5.25 2.64
CA TYR A 7 7.80 -4.42 2.39
C TYR A 7 7.44 -2.95 2.47
N PRO A 8 8.41 -2.11 2.86
CA PRO A 8 8.22 -0.66 2.97
C PRO A 8 8.05 0.01 1.61
N PRO A 9 7.03 0.86 1.50
CA PRO A 9 6.11 1.15 2.60
C PRO A 9 5.21 -0.03 2.93
N PHE A 10 5.10 -0.34 4.22
CA PHE A 10 4.27 -1.45 4.66
C PHE A 10 2.81 -1.25 4.25
N PHE A 11 2.47 -0.01 3.94
CA PHE A 11 1.10 0.32 3.53
C PHE A 11 1.08 0.86 2.11
N ASP A 12 0.30 0.22 1.25
CA ASP A 12 0.18 0.64 -0.15
C ASP A 12 -1.16 1.30 -0.41
N CYS A 13 -1.17 2.29 -1.29
CA CYS A 13 -2.39 3.02 -1.63
C CYS A 13 -2.22 3.78 -2.93
N LYS A 14 -3.11 3.50 -3.89
CA LYS A 14 -3.06 4.16 -5.19
C LYS A 14 -4.29 5.05 -5.39
N PRO A 15 -4.31 6.19 -4.70
CA PRO A 15 -5.41 7.15 -4.79
C PRO A 15 -5.46 7.86 -6.13
N ASN A 16 -6.67 8.20 -6.57
CA ASN A 16 -6.85 8.88 -7.85
C ASN A 16 -5.98 10.12 -7.93
N GLY A 1 -7.24 0.11 -4.77
CA GLY A 1 -7.49 0.76 -3.49
C GLY A 1 -6.23 0.91 -2.67
N CYS A 2 -6.33 0.62 -1.38
CA CYS A 2 -5.19 0.73 -0.47
C CYS A 2 -5.06 -0.52 0.39
N TRP A 3 -3.90 -1.17 0.32
CA TRP A 3 -3.66 -2.37 1.09
C TRP A 3 -2.18 -2.49 1.47
N PRO A 4 -1.90 -3.17 2.59
CA PRO A 4 -0.53 -3.36 3.08
C PRO A 4 0.27 -4.30 2.19
N VAL A 5 1.60 -4.21 2.29
CA VAL A 5 2.49 -5.04 1.50
C VAL A 5 3.68 -5.53 2.33
N PRO A 6 4.18 -6.73 1.99
CA PRO A 6 5.32 -7.33 2.69
C PRO A 6 6.63 -6.58 2.42
N TYR A 7 6.59 -5.26 2.59
CA TYR A 7 7.78 -4.44 2.37
C TYR A 7 7.43 -2.95 2.46
N PRO A 8 8.41 -2.14 2.87
CA PRO A 8 8.23 -0.69 3.01
C PRO A 8 8.08 0.01 1.66
N PRO A 9 7.06 0.88 1.55
CA PRO A 9 6.13 1.15 2.66
C PRO A 9 5.22 -0.04 2.97
N PHE A 10 5.10 -0.36 4.25
CA PHE A 10 4.26 -1.48 4.67
C PHE A 10 2.81 -1.25 4.25
N PHE A 11 2.48 -0.01 3.96
CA PHE A 11 1.12 0.35 3.56
C PHE A 11 1.10 0.89 2.12
N ASP A 12 0.32 0.24 1.26
CA ASP A 12 0.22 0.66 -0.13
C ASP A 12 -1.13 1.31 -0.40
N CYS A 13 -1.12 2.32 -1.27
CA CYS A 13 -2.35 3.04 -1.62
C CYS A 13 -2.18 3.81 -2.92
N LYS A 14 -3.05 3.55 -3.88
CA LYS A 14 -2.99 4.21 -5.17
C LYS A 14 -4.22 5.10 -5.38
N PRO A 15 -4.23 6.26 -4.69
CA PRO A 15 -5.34 7.22 -4.77
C PRO A 15 -5.38 7.91 -6.12
N ASN A 16 -6.56 8.44 -6.48
CA ASN A 16 -6.73 9.14 -7.75
C ASN A 16 -6.80 10.65 -7.53
N GLY A 1 -8.34 1.97 -3.58
CA GLY A 1 -7.47 0.81 -3.74
C GLY A 1 -6.23 0.90 -2.87
N CYS A 2 -6.39 0.66 -1.57
CA CYS A 2 -5.28 0.72 -0.64
C CYS A 2 -5.13 -0.61 0.11
N TRP A 3 -3.89 -1.04 0.32
CA TRP A 3 -3.62 -2.28 1.02
C TRP A 3 -2.15 -2.38 1.39
N PRO A 4 -1.85 -3.10 2.49
CA PRO A 4 -0.48 -3.29 2.97
C PRO A 4 0.33 -4.18 2.06
N VAL A 5 1.65 -4.13 2.20
CA VAL A 5 2.55 -4.93 1.39
C VAL A 5 3.71 -5.48 2.22
N PRO A 6 4.21 -6.67 1.82
CA PRO A 6 5.32 -7.32 2.51
C PRO A 6 6.64 -6.58 2.33
N TYR A 7 6.62 -5.28 2.56
CA TYR A 7 7.82 -4.46 2.42
C TYR A 7 7.50 -2.98 2.59
N PRO A 8 8.47 -2.20 3.07
CA PRO A 8 8.31 -0.77 3.30
C PRO A 8 8.22 0.02 1.99
N PRO A 9 7.22 0.91 1.90
CA PRO A 9 6.26 1.13 2.99
C PRO A 9 5.32 -0.06 3.18
N PHE A 10 5.14 -0.45 4.43
CA PHE A 10 4.26 -1.58 4.76
C PHE A 10 2.84 -1.30 4.30
N PHE A 11 2.53 -0.02 4.07
CA PHE A 11 1.20 0.38 3.62
C PHE A 11 1.24 0.92 2.20
N ASP A 12 0.45 0.32 1.32
CA ASP A 12 0.39 0.74 -0.08
C ASP A 12 -0.94 1.42 -0.38
N CYS A 13 -0.96 2.22 -1.44
CA CYS A 13 -2.17 2.93 -1.84
C CYS A 13 -2.13 3.27 -3.33
N LYS A 14 -3.30 3.23 -3.97
CA LYS A 14 -3.40 3.53 -5.39
C LYS A 14 -4.72 4.24 -5.70
N PRO A 15 -4.84 5.51 -5.25
CA PRO A 15 -6.04 6.31 -5.46
C PRO A 15 -6.21 6.72 -6.93
N ASN A 16 -7.45 6.71 -7.40
CA ASN A 16 -7.75 7.07 -8.79
C ASN A 16 -9.12 7.73 -8.89
N GLY A 1 -7.46 1.66 -4.79
CA GLY A 1 -7.55 0.86 -3.58
C GLY A 1 -6.30 0.95 -2.73
N CYS A 2 -6.45 0.69 -1.44
CA CYS A 2 -5.32 0.75 -0.52
C CYS A 2 -5.17 -0.58 0.22
N TRP A 3 -3.92 -1.01 0.41
CA TRP A 3 -3.64 -2.26 1.11
C TRP A 3 -2.16 -2.36 1.47
N PRO A 4 -1.86 -3.09 2.56
CA PRO A 4 -0.49 -3.28 3.02
C PRO A 4 0.32 -4.18 2.09
N VAL A 5 1.64 -4.12 2.22
CA VAL A 5 2.52 -4.92 1.39
C VAL A 5 3.69 -5.48 2.20
N PRO A 6 4.19 -6.66 1.80
CA PRO A 6 5.31 -7.32 2.48
C PRO A 6 6.63 -6.59 2.26
N TYR A 7 6.62 -5.28 2.52
CA TYR A 7 7.81 -4.46 2.36
C TYR A 7 7.49 -2.99 2.53
N PRO A 8 8.47 -2.21 3.01
CA PRO A 8 8.32 -0.78 3.23
C PRO A 8 8.21 0.00 1.93
N PRO A 9 7.21 0.90 1.85
CA PRO A 9 6.27 1.12 2.95
C PRO A 9 5.34 -0.06 3.16
N PHE A 10 5.16 -0.46 4.42
CA PHE A 10 4.29 -1.58 4.75
C PHE A 10 2.86 -1.30 4.31
N PHE A 11 2.56 -0.03 4.08
CA PHE A 11 1.22 0.37 3.65
C PHE A 11 1.24 0.93 2.24
N ASP A 12 0.43 0.32 1.36
CA ASP A 12 0.36 0.76 -0.04
C ASP A 12 -0.98 1.44 -0.32
N CYS A 13 -1.01 2.24 -1.38
CA CYS A 13 -2.23 2.96 -1.76
C CYS A 13 -2.21 3.30 -3.24
N LYS A 14 -3.38 3.21 -3.87
CA LYS A 14 -3.50 3.52 -5.30
C LYS A 14 -4.78 4.28 -5.59
N PRO A 15 -4.83 5.55 -5.17
CA PRO A 15 -6.00 6.42 -5.37
C PRO A 15 -6.20 6.78 -6.84
N ASN A 16 -7.43 6.64 -7.32
CA ASN A 16 -7.76 6.96 -8.69
C ASN A 16 -9.07 7.75 -8.79
N GLY A 1 -8.07 -0.27 -3.70
CA GLY A 1 -7.46 1.05 -3.69
C GLY A 1 -6.22 1.11 -2.84
N CYS A 2 -6.38 0.84 -1.54
CA CYS A 2 -5.27 0.87 -0.60
C CYS A 2 -5.13 -0.46 0.12
N TRP A 3 -3.90 -0.91 0.32
CA TRP A 3 -3.64 -2.17 1.00
C TRP A 3 -2.16 -2.29 1.37
N PRO A 4 -1.88 -3.03 2.46
CA PRO A 4 -0.52 -3.25 2.94
C PRO A 4 0.29 -4.13 2.00
N VAL A 5 1.62 -4.10 2.15
CA VAL A 5 2.51 -4.90 1.32
C VAL A 5 3.66 -5.47 2.15
N PRO A 6 4.15 -6.65 1.73
CA PRO A 6 5.25 -7.33 2.41
C PRO A 6 6.57 -6.61 2.23
N TYR A 7 6.57 -5.30 2.50
CA TYR A 7 7.78 -4.49 2.36
C TYR A 7 7.46 -3.01 2.56
N PRO A 8 8.45 -2.26 3.06
CA PRO A 8 8.32 -0.82 3.30
C PRO A 8 8.23 -0.01 2.01
N PRO A 9 7.24 0.88 1.93
CA PRO A 9 6.28 1.10 3.02
C PRO A 9 5.32 -0.07 3.20
N PHE A 10 5.14 -0.49 4.45
CA PHE A 10 4.25 -1.61 4.75
C PHE A 10 2.83 -1.31 4.30
N PHE A 11 2.54 -0.03 4.09
CA PHE A 11 1.21 0.39 3.65
C PHE A 11 1.26 0.96 2.23
N ASP A 12 0.46 0.37 1.34
CA ASP A 12 0.40 0.83 -0.04
C ASP A 12 -0.92 1.52 -0.34
N CYS A 13 -0.93 2.34 -1.38
CA CYS A 13 -2.14 3.07 -1.77
C CYS A 13 -2.10 3.43 -3.25
N LYS A 14 -3.26 3.39 -3.90
CA LYS A 14 -3.36 3.71 -5.32
C LYS A 14 -4.70 4.38 -5.63
N PRO A 15 -4.85 5.64 -5.18
CA PRO A 15 -6.07 6.41 -5.41
C PRO A 15 -6.25 6.81 -6.87
N ASN A 16 -7.51 7.00 -7.28
CA ASN A 16 -7.81 7.37 -8.65
C ASN A 16 -8.92 8.42 -8.69
N GLY A 1 -8.27 -0.11 -3.43
CA GLY A 1 -7.46 1.06 -3.72
C GLY A 1 -6.22 1.13 -2.86
N CYS A 2 -6.38 0.82 -1.57
CA CYS A 2 -5.26 0.85 -0.64
C CYS A 2 -5.12 -0.48 0.10
N TRP A 3 -3.89 -0.93 0.30
CA TRP A 3 -3.63 -2.18 0.98
C TRP A 3 -2.16 -2.31 1.35
N PRO A 4 -1.88 -3.04 2.45
CA PRO A 4 -0.51 -3.26 2.93
C PRO A 4 0.30 -4.14 2.00
N VAL A 5 1.63 -4.10 2.16
CA VAL A 5 2.52 -4.90 1.33
C VAL A 5 3.66 -5.48 2.15
N PRO A 6 4.15 -6.66 1.74
CA PRO A 6 5.26 -7.33 2.43
C PRO A 6 6.59 -6.60 2.26
N TYR A 7 6.58 -5.30 2.52
CA TYR A 7 7.78 -4.49 2.39
C TYR A 7 7.47 -3.01 2.58
N PRO A 8 8.46 -2.26 3.08
CA PRO A 8 8.30 -0.82 3.32
C PRO A 8 8.23 -0.02 2.02
N PRO A 9 7.24 0.89 1.94
CA PRO A 9 6.28 1.11 3.03
C PRO A 9 5.33 -0.08 3.20
N PHE A 10 5.13 -0.49 4.45
CA PHE A 10 4.25 -1.61 4.75
C PHE A 10 2.82 -1.31 4.30
N PHE A 11 2.53 -0.04 4.08
CA PHE A 11 1.20 0.38 3.64
C PHE A 11 1.25 0.95 2.22
N ASP A 12 0.46 0.37 1.33
CA ASP A 12 0.42 0.82 -0.06
C ASP A 12 -0.92 1.50 -0.36
N CYS A 13 -0.92 2.32 -1.40
CA CYS A 13 -2.13 3.05 -1.80
C CYS A 13 -2.08 3.40 -3.29
N LYS A 14 -3.26 3.42 -3.92
CA LYS A 14 -3.35 3.75 -5.34
C LYS A 14 -4.70 4.38 -5.65
N PRO A 15 -4.90 5.62 -5.20
CA PRO A 15 -6.14 6.36 -5.43
C PRO A 15 -6.32 6.76 -6.89
N ASN A 16 -7.52 6.54 -7.42
CA ASN A 16 -7.81 6.88 -8.81
C ASN A 16 -7.78 8.39 -9.01
N GLY A 1 -8.24 -0.13 -3.46
CA GLY A 1 -7.44 1.05 -3.73
C GLY A 1 -6.20 1.11 -2.86
N CYS A 2 -6.37 0.85 -1.56
CA CYS A 2 -5.25 0.87 -0.63
C CYS A 2 -5.13 -0.46 0.10
N TRP A 3 -3.89 -0.91 0.29
CA TRP A 3 -3.63 -2.17 0.98
C TRP A 3 -2.16 -2.30 1.35
N PRO A 4 -1.88 -3.03 2.44
CA PRO A 4 -0.52 -3.24 2.93
C PRO A 4 0.31 -4.13 1.99
N VAL A 5 1.62 -4.10 2.14
CA VAL A 5 2.51 -4.90 1.31
C VAL A 5 3.66 -5.48 2.14
N PRO A 6 4.15 -6.65 1.72
CA PRO A 6 5.25 -7.33 2.41
C PRO A 6 6.58 -6.60 2.23
N TYR A 7 6.58 -5.31 2.50
CA TYR A 7 7.78 -4.49 2.38
C TYR A 7 7.47 -3.01 2.57
N PRO A 8 8.46 -2.26 3.08
CA PRO A 8 8.31 -0.82 3.32
C PRO A 8 8.23 -0.02 2.02
N PRO A 9 7.23 0.89 1.95
CA PRO A 9 6.28 1.11 3.04
C PRO A 9 5.32 -0.08 3.21
N PHE A 10 5.13 -0.49 4.46
CA PHE A 10 4.25 -1.61 4.75
C PHE A 10 2.82 -1.32 4.30
N PHE A 11 2.53 -0.04 4.08
CA PHE A 11 1.21 0.38 3.65
C PHE A 11 1.26 0.96 2.23
N ASP A 12 0.46 0.38 1.34
CA ASP A 12 0.42 0.83 -0.04
C ASP A 12 -0.91 1.53 -0.35
N CYS A 13 -0.92 2.35 -1.39
CA CYS A 13 -2.13 3.08 -1.78
C CYS A 13 -2.08 3.45 -3.26
N LYS A 14 -3.24 3.41 -3.90
CA LYS A 14 -3.33 3.73 -5.32
C LYS A 14 -4.76 4.15 -5.69
N PRO A 15 -5.16 5.34 -5.21
CA PRO A 15 -6.49 5.88 -5.47
C PRO A 15 -6.68 6.30 -6.93
N ASN A 16 -7.92 6.31 -7.39
CA ASN A 16 -8.23 6.70 -8.76
C ASN A 16 -9.28 7.80 -8.81
N GLY A 1 -7.87 -0.31 -3.96
CA GLY A 1 -7.48 1.05 -3.67
C GLY A 1 -6.23 1.12 -2.80
N CYS A 2 -6.40 0.84 -1.51
CA CYS A 2 -5.28 0.86 -0.58
C CYS A 2 -5.14 -0.47 0.15
N TRP A 3 -3.90 -0.91 0.34
CA TRP A 3 -3.64 -2.18 1.02
C TRP A 3 -2.17 -2.29 1.39
N PRO A 4 -1.89 -3.04 2.48
CA PRO A 4 -0.51 -3.24 2.96
C PRO A 4 0.29 -4.13 2.02
N VAL A 5 1.62 -4.09 2.16
CA VAL A 5 2.50 -4.90 1.33
C VAL A 5 3.66 -5.47 2.15
N PRO A 6 4.15 -6.65 1.74
CA PRO A 6 5.25 -7.33 2.42
C PRO A 6 6.57 -6.61 2.23
N TYR A 7 6.57 -5.30 2.50
CA TYR A 7 7.78 -4.49 2.36
C TYR A 7 7.46 -3.01 2.55
N PRO A 8 8.46 -2.26 3.04
CA PRO A 8 8.31 -0.82 3.29
C PRO A 8 8.23 -0.02 1.99
N PRO A 9 7.24 0.88 1.91
CA PRO A 9 6.28 1.10 3.00
C PRO A 9 5.33 -0.07 3.19
N PHE A 10 5.14 -0.49 4.44
CA PHE A 10 4.26 -1.61 4.75
C PHE A 10 2.83 -1.31 4.30
N PHE A 11 2.55 -0.03 4.08
CA PHE A 11 1.21 0.39 3.65
C PHE A 11 1.26 0.96 2.23
N ASP A 12 0.45 0.38 1.35
CA ASP A 12 0.39 0.82 -0.04
C ASP A 12 -0.93 1.52 -0.33
N CYS A 13 -0.95 2.34 -1.37
CA CYS A 13 -2.16 3.06 -1.76
C CYS A 13 -2.12 3.43 -3.24
N LYS A 14 -3.29 3.41 -3.88
CA LYS A 14 -3.39 3.74 -5.29
C LYS A 14 -4.71 4.44 -5.59
N PRO A 15 -4.83 5.70 -5.16
CA PRO A 15 -6.03 6.51 -5.36
C PRO A 15 -6.22 6.89 -6.83
N ASN A 16 -7.46 6.78 -7.31
CA ASN A 16 -7.77 7.12 -8.69
C ASN A 16 -8.70 8.34 -8.76
N GLY A 1 -7.33 0.29 -4.81
CA GLY A 1 -7.54 1.01 -3.57
C GLY A 1 -6.28 1.07 -2.72
N CYS A 2 -6.43 0.81 -1.43
CA CYS A 2 -5.30 0.84 -0.51
C CYS A 2 -5.16 -0.48 0.22
N TRP A 3 -3.92 -0.93 0.41
CA TRP A 3 -3.65 -2.18 1.10
C TRP A 3 -2.17 -2.30 1.44
N PRO A 4 -1.88 -3.04 2.53
CA PRO A 4 -0.51 -3.25 2.99
C PRO A 4 0.29 -4.14 2.05
N VAL A 5 1.62 -4.10 2.18
CA VAL A 5 2.51 -4.90 1.34
C VAL A 5 3.66 -5.47 2.15
N PRO A 6 4.15 -6.65 1.74
CA PRO A 6 5.26 -7.34 2.40
C PRO A 6 6.59 -6.60 2.20
N TYR A 7 6.58 -5.30 2.47
CA TYR A 7 7.79 -4.49 2.32
C TYR A 7 7.47 -3.01 2.51
N PRO A 8 8.47 -2.25 3.01
CA PRO A 8 8.32 -0.82 3.25
C PRO A 8 8.22 -0.02 1.95
N PRO A 9 7.23 0.89 1.88
CA PRO A 9 6.28 1.11 2.98
C PRO A 9 5.33 -0.07 3.18
N PHE A 10 5.17 -0.49 4.43
CA PHE A 10 4.29 -1.61 4.75
C PHE A 10 2.85 -1.31 4.31
N PHE A 11 2.56 -0.03 4.09
CA PHE A 11 1.22 0.39 3.67
C PHE A 11 1.25 0.95 2.26
N ASP A 12 0.44 0.37 1.38
CA ASP A 12 0.37 0.82 0.00
C ASP A 12 -0.96 1.51 -0.29
N CYS A 13 -0.98 2.33 -1.33
CA CYS A 13 -2.19 3.05 -1.71
C CYS A 13 -2.17 3.41 -3.19
N LYS A 14 -3.34 3.38 -3.82
CA LYS A 14 -3.45 3.71 -5.24
C LYS A 14 -4.89 4.10 -5.58
N PRO A 15 -5.32 5.27 -5.10
CA PRO A 15 -6.67 5.78 -5.35
C PRO A 15 -6.87 6.21 -6.80
N ASN A 16 -8.12 6.13 -7.27
CA ASN A 16 -8.43 6.50 -8.64
C ASN A 16 -9.51 7.59 -8.67
N GLY A 1 -8.45 2.11 -3.69
CA GLY A 1 -7.77 0.84 -3.57
C GLY A 1 -6.43 0.94 -2.86
N CYS A 2 -6.43 0.63 -1.57
CA CYS A 2 -5.21 0.69 -0.78
C CYS A 2 -5.06 -0.55 0.09
N TRP A 3 -3.89 -1.17 0.03
CA TRP A 3 -3.61 -2.38 0.81
C TRP A 3 -2.14 -2.44 1.21
N PRO A 4 -1.87 -3.10 2.34
CA PRO A 4 -0.51 -3.24 2.87
C PRO A 4 0.34 -4.17 2.01
N VAL A 5 1.65 -4.17 2.24
CA VAL A 5 2.57 -5.02 1.49
C VAL A 5 3.71 -5.50 2.38
N PRO A 6 4.22 -6.70 2.07
CA PRO A 6 5.33 -7.30 2.83
C PRO A 6 6.65 -6.57 2.61
N TYR A 7 6.62 -5.26 2.76
CA TYR A 7 7.82 -4.45 2.58
C TYR A 7 7.48 -2.96 2.64
N PRO A 8 8.45 -2.15 3.10
CA PRO A 8 8.28 -0.70 3.23
C PRO A 8 8.23 -0.01 1.86
N PRO A 9 7.23 0.87 1.70
CA PRO A 9 6.24 1.16 2.74
C PRO A 9 5.29 0.00 3.00
N PHE A 10 5.08 -0.33 4.27
CA PHE A 10 4.20 -1.42 4.64
C PHE A 10 2.78 -1.17 4.13
N PHE A 11 2.49 0.07 3.79
CA PHE A 11 1.16 0.44 3.30
C PHE A 11 1.23 0.86 1.83
N ASP A 12 0.46 0.17 0.99
CA ASP A 12 0.43 0.46 -0.44
C ASP A 12 -0.93 1.02 -0.85
N CYS A 13 -1.03 2.34 -0.87
CA CYS A 13 -2.28 3.01 -1.25
C CYS A 13 -2.16 3.67 -2.62
N LYS A 14 -3.04 3.29 -3.54
CA LYS A 14 -3.02 3.85 -4.88
C LYS A 14 -4.36 3.62 -5.58
N PRO A 15 -5.39 4.39 -5.16
CA PRO A 15 -6.73 4.28 -5.74
C PRO A 15 -6.79 4.80 -7.18
N ASN A 16 -7.67 4.22 -7.97
CA ASN A 16 -7.83 4.62 -9.37
C ASN A 16 -8.67 5.89 -9.48
N GLY A 1 -7.92 1.67 -4.51
CA GLY A 1 -7.76 0.69 -3.45
C GLY A 1 -6.41 0.80 -2.75
N CYS A 2 -6.41 0.61 -1.44
CA CYS A 2 -5.18 0.69 -0.66
C CYS A 2 -5.02 -0.54 0.23
N TRP A 3 -3.90 -1.23 0.09
CA TRP A 3 -3.63 -2.43 0.87
C TRP A 3 -2.16 -2.50 1.27
N PRO A 4 -1.89 -3.13 2.42
CA PRO A 4 -0.52 -3.28 2.94
C PRO A 4 0.32 -4.23 2.09
N VAL A 5 1.63 -4.19 2.29
CA VAL A 5 2.55 -5.05 1.55
C VAL A 5 3.71 -5.51 2.43
N PRO A 6 4.21 -6.72 2.15
CA PRO A 6 5.33 -7.30 2.89
C PRO A 6 6.64 -6.57 2.65
N TYR A 7 6.62 -5.26 2.78
CA TYR A 7 7.81 -4.44 2.56
C TYR A 7 7.46 -2.95 2.60
N PRO A 8 8.43 -2.13 3.04
CA PRO A 8 8.26 -0.68 3.13
C PRO A 8 8.18 -0.02 1.76
N PRO A 9 7.18 0.86 1.58
CA PRO A 9 6.21 1.17 2.63
C PRO A 9 5.27 0.00 2.92
N PHE A 10 5.08 -0.30 4.20
CA PHE A 10 4.21 -1.39 4.61
C PHE A 10 2.78 -1.17 4.11
N PHE A 11 2.48 0.07 3.76
CA PHE A 11 1.15 0.43 3.27
C PHE A 11 1.19 0.83 1.80
N ASP A 12 0.42 0.14 0.98
CA ASP A 12 0.38 0.43 -0.45
C ASP A 12 -0.98 1.02 -0.85
N CYS A 13 -1.04 2.34 -0.91
CA CYS A 13 -2.28 3.02 -1.28
C CYS A 13 -2.16 3.66 -2.66
N LYS A 14 -3.07 3.29 -3.56
CA LYS A 14 -3.07 3.82 -4.91
C LYS A 14 -4.30 4.70 -5.15
N PRO A 15 -4.28 5.91 -4.59
CA PRO A 15 -5.39 6.86 -4.73
C PRO A 15 -5.50 7.41 -6.15
N ASN A 16 -6.72 7.80 -6.54
CA ASN A 16 -6.94 8.35 -7.87
C ASN A 16 -8.12 9.34 -7.85
N GLY A 1 -7.65 0.37 -4.76
CA GLY A 1 -7.77 0.90 -3.42
C GLY A 1 -6.42 1.02 -2.71
N CYS A 2 -6.40 0.69 -1.42
CA CYS A 2 -5.18 0.76 -0.64
C CYS A 2 -5.03 -0.48 0.24
N TRP A 3 -3.91 -1.17 0.09
CA TRP A 3 -3.64 -2.37 0.88
C TRP A 3 -2.17 -2.45 1.27
N PRO A 4 -1.91 -3.10 2.41
CA PRO A 4 -0.54 -3.26 2.94
C PRO A 4 0.30 -4.21 2.08
N VAL A 5 1.61 -4.17 2.27
CA VAL A 5 2.52 -5.03 1.53
C VAL A 5 3.67 -5.51 2.40
N PRO A 6 4.18 -6.71 2.10
CA PRO A 6 5.29 -7.31 2.85
C PRO A 6 6.61 -6.59 2.60
N TYR A 7 6.59 -5.27 2.73
CA TYR A 7 7.79 -4.45 2.52
C TYR A 7 7.45 -2.97 2.58
N PRO A 8 8.43 -2.16 3.01
CA PRO A 8 8.27 -0.71 3.12
C PRO A 8 8.19 -0.03 1.76
N PRO A 9 7.19 0.85 1.59
CA PRO A 9 6.22 1.15 2.64
C PRO A 9 5.28 -0.01 2.93
N PHE A 10 5.08 -0.31 4.20
CA PHE A 10 4.20 -1.41 4.60
C PHE A 10 2.78 -1.17 4.11
N PHE A 11 2.48 0.08 3.78
CA PHE A 11 1.15 0.44 3.29
C PHE A 11 1.20 0.86 1.83
N ASP A 12 0.42 0.18 0.99
CA ASP A 12 0.38 0.47 -0.43
C ASP A 12 -0.98 1.06 -0.82
N CYS A 13 -1.04 2.39 -0.88
CA CYS A 13 -2.27 3.08 -1.23
C CYS A 13 -2.15 3.73 -2.61
N LYS A 14 -3.07 3.37 -3.51
CA LYS A 14 -3.08 3.92 -4.85
C LYS A 14 -4.30 4.80 -5.08
N PRO A 15 -4.28 6.00 -4.51
CA PRO A 15 -5.38 6.96 -4.64
C PRO A 15 -5.49 7.53 -6.04
N ASN A 16 -6.70 7.93 -6.43
CA ASN A 16 -6.94 8.49 -7.76
C ASN A 16 -6.65 9.98 -7.77
N GLY A 1 -8.07 2.14 -3.98
CA GLY A 1 -7.51 0.83 -3.68
C GLY A 1 -6.27 0.92 -2.82
N CYS A 2 -6.41 0.66 -1.53
CA CYS A 2 -5.29 0.71 -0.59
C CYS A 2 -5.15 -0.61 0.15
N TRP A 3 -3.91 -1.04 0.35
CA TRP A 3 -3.62 -2.28 1.05
C TRP A 3 -2.15 -2.39 1.42
N PRO A 4 -1.86 -3.10 2.51
CA PRO A 4 -0.48 -3.29 2.99
C PRO A 4 0.33 -4.19 2.07
N VAL A 5 1.65 -4.13 2.21
CA VAL A 5 2.55 -4.93 1.39
C VAL A 5 3.71 -5.48 2.21
N PRO A 6 4.22 -6.67 1.81
CA PRO A 6 5.32 -7.32 2.51
C PRO A 6 6.65 -6.58 2.31
N TYR A 7 6.63 -5.28 2.56
CA TYR A 7 7.82 -4.46 2.41
C TYR A 7 7.50 -2.98 2.57
N PRO A 8 8.48 -2.20 3.05
CA PRO A 8 8.32 -0.76 3.27
C PRO A 8 8.21 0.02 1.97
N PRO A 9 7.22 0.90 1.88
CA PRO A 9 6.26 1.13 2.97
C PRO A 9 5.32 -0.06 3.17
N PHE A 10 5.14 -0.46 4.43
CA PHE A 10 4.27 -1.57 4.76
C PHE A 10 2.84 -1.29 4.30
N PHE A 11 2.53 -0.02 4.07
CA PHE A 11 1.20 0.37 3.63
C PHE A 11 1.24 0.91 2.21
N ASP A 12 0.44 0.32 1.33
CA ASP A 12 0.37 0.75 -0.06
C ASP A 12 -0.96 1.42 -0.36
N CYS A 13 -0.98 2.23 -1.41
CA CYS A 13 -2.20 2.94 -1.81
C CYS A 13 -2.17 3.27 -3.30
N LYS A 14 -3.32 3.17 -3.94
CA LYS A 14 -3.43 3.47 -5.37
C LYS A 14 -4.76 4.16 -5.68
N PRO A 15 -4.89 5.42 -5.23
CA PRO A 15 -6.11 6.21 -5.46
C PRO A 15 -6.28 6.61 -6.91
N ASN A 16 -7.53 6.75 -7.35
CA ASN A 16 -7.84 7.12 -8.72
C ASN A 16 -7.01 6.28 -9.70
N GLY A 1 -7.91 2.11 -3.96
CA GLY A 1 -7.30 0.80 -3.84
C GLY A 1 -6.04 0.83 -2.97
N CYS A 2 -6.21 0.53 -1.69
CA CYS A 2 -5.09 0.51 -0.76
C CYS A 2 -5.01 -0.81 -0.02
N TRP A 3 -3.80 -1.22 0.32
CA TRP A 3 -3.59 -2.48 1.03
C TRP A 3 -2.14 -2.61 1.50
N PRO A 4 -1.94 -3.33 2.61
CA PRO A 4 -0.60 -3.55 3.17
C PRO A 4 0.26 -4.47 2.31
N VAL A 5 1.57 -4.24 2.33
CA VAL A 5 2.50 -5.05 1.55
C VAL A 5 3.67 -5.52 2.40
N PRO A 6 4.17 -6.72 2.09
CA PRO A 6 5.29 -7.32 2.82
C PRO A 6 6.61 -6.60 2.55
N TYR A 7 6.59 -5.28 2.69
CA TYR A 7 7.79 -4.48 2.46
C TYR A 7 7.47 -2.99 2.53
N PRO A 8 8.44 -2.19 2.98
CA PRO A 8 8.29 -0.74 3.11
C PRO A 8 8.19 -0.04 1.76
N PRO A 9 7.20 0.85 1.61
CA PRO A 9 6.25 1.15 2.68
C PRO A 9 5.30 -0.02 2.95
N PHE A 10 5.11 -0.33 4.23
CA PHE A 10 4.23 -1.42 4.61
C PHE A 10 2.80 -1.17 4.14
N PHE A 11 2.51 0.10 3.84
CA PHE A 11 1.18 0.48 3.37
C PHE A 11 1.23 1.01 1.94
N ASP A 12 0.43 0.42 1.06
CA ASP A 12 0.38 0.83 -0.34
C ASP A 12 -1.02 1.31 -0.71
N CYS A 13 -1.14 2.60 -1.02
CA CYS A 13 -2.42 3.17 -1.40
C CYS A 13 -2.35 3.79 -2.79
N LYS A 14 -3.23 3.34 -3.68
CA LYS A 14 -3.27 3.85 -5.04
C LYS A 14 -4.69 4.17 -5.46
N PRO A 15 -5.25 5.27 -4.90
CA PRO A 15 -6.61 5.71 -5.20
C PRO A 15 -6.74 6.25 -6.63
N ASN A 16 -7.95 6.17 -7.18
CA ASN A 16 -8.20 6.65 -8.52
C ASN A 16 -8.76 8.07 -8.50
N GLY A 1 -7.84 2.12 -4.07
CA GLY A 1 -7.31 0.80 -3.82
C GLY A 1 -6.06 0.83 -2.97
N CYS A 2 -6.22 0.51 -1.68
CA CYS A 2 -5.09 0.50 -0.75
C CYS A 2 -5.01 -0.82 -0.01
N TRP A 3 -3.80 -1.25 0.32
CA TRP A 3 -3.59 -2.49 1.05
C TRP A 3 -2.14 -2.62 1.50
N PRO A 4 -1.93 -3.34 2.61
CA PRO A 4 -0.59 -3.55 3.18
C PRO A 4 0.26 -4.46 2.32
N VAL A 5 1.58 -4.25 2.34
CA VAL A 5 2.50 -5.05 1.56
C VAL A 5 3.68 -5.52 2.42
N PRO A 6 4.17 -6.73 2.11
CA PRO A 6 5.30 -7.32 2.84
C PRO A 6 6.62 -6.61 2.56
N TYR A 7 6.60 -5.28 2.70
CA TYR A 7 7.79 -4.47 2.46
C TYR A 7 7.47 -2.99 2.53
N PRO A 8 8.44 -2.19 2.97
CA PRO A 8 8.29 -0.74 3.10
C PRO A 8 8.19 -0.03 1.74
N PRO A 9 7.20 0.84 1.60
CA PRO A 9 6.25 1.16 2.66
C PRO A 9 5.30 -0.01 2.93
N PHE A 10 5.11 -0.33 4.21
CA PHE A 10 4.23 -1.41 4.62
C PHE A 10 2.80 -1.17 4.14
N PHE A 11 2.50 0.09 3.82
CA PHE A 11 1.18 0.47 3.36
C PHE A 11 1.23 1.00 1.93
N ASP A 12 0.42 0.41 1.06
CA ASP A 12 0.38 0.82 -0.34
C ASP A 12 -1.02 1.29 -0.72
N CYS A 13 -1.15 2.58 -1.02
CA CYS A 13 -2.43 3.16 -1.41
C CYS A 13 -2.36 3.77 -2.80
N LYS A 14 -3.24 3.31 -3.68
CA LYS A 14 -3.28 3.82 -5.05
C LYS A 14 -4.67 4.36 -5.39
N PRO A 15 -5.01 5.53 -4.81
CA PRO A 15 -6.30 6.18 -5.04
C PRO A 15 -6.44 6.73 -6.46
N ASN A 16 -7.65 6.68 -7.00
CA ASN A 16 -7.91 7.16 -8.35
C ASN A 16 -8.98 8.26 -8.33
#